data_5X6I
#
_entry.id   5X6I
#
_cell.length_a   43.739
_cell.length_b   44.180
_cell.length_c   100.595
_cell.angle_alpha   90.00
_cell.angle_beta   90.00
_cell.angle_gamma   90.00
#
_symmetry.space_group_name_H-M   'P 21 21 21'
#
loop_
_entity.id
_entity.type
_entity.pdbx_description
1 polymer 'Adenylate kinase'
2 non-polymer 'ZINC ION'
3 non-polymer 'MAGNESIUM ION'
4 non-polymer "BIS(ADENOSINE)-5'-PENTAPHOSPHATE"
5 non-polymer 'CALCIUM ION'
6 water water
#
_entity_poly.entity_id   1
_entity_poly.type   'polypeptide(L)'
_entity_poly.pdbx_seq_one_letter_code
;MNLVLMGLPGAGKGTQGERIVEDYGTPHISTGDMFRAAMKEETPLGLEAKSYIDKGELVPDEVTIGIVKERLGKDDCERG
FLLDGFPRTVAQAEALEEILEEYGKPIDYVINIEVDKDVLMERLTGRRICSVCGTTYHLVFNPPKTPGICDKDGGELYQR
ADDNEETVSKRLEVNMKQTQPLLDFYSEKGYLANVNGQQDIQDVYADVKDLLGGLKK
;
_entity_poly.pdbx_strand_id   A
#
loop_
_chem_comp.id
_chem_comp.type
_chem_comp.name
_chem_comp.formula
AP5 non-polymer BIS(ADENOSINE)-5'-PENTAPHOSPHATE 'C20 H29 N10 O22 P5'
CA non-polymer 'CALCIUM ION' 'Ca 2'
MG non-polymer 'MAGNESIUM ION' 'Mg 2'
ZN non-polymer 'ZINC ION' 'Zn 2'
#
# COMPACT_ATOMS: atom_id res chain seq x y z
N MET A 1 0.74 17.63 0.07
CA MET A 1 0.15 16.74 1.06
C MET A 1 1.08 15.59 1.37
N ASN A 2 1.17 15.33 2.67
CA ASN A 2 1.93 14.27 3.19
C ASN A 2 0.89 13.27 3.70
N LEU A 3 0.68 12.21 2.90
CA LEU A 3 -0.41 11.29 3.14
C LEU A 3 0.15 9.89 3.39
N VAL A 4 -0.57 9.17 4.22
CA VAL A 4 -0.36 7.77 4.48
C VAL A 4 -1.66 7.04 4.23
N LEU A 5 -1.58 5.96 3.47
CA LEU A 5 -2.68 5.00 3.31
C LEU A 5 -2.44 3.74 4.13
N MET A 6 -3.47 3.31 4.82
CA MET A 6 -3.40 2.06 5.51
C MET A 6 -4.68 1.29 5.29
N GLY A 7 -4.58 -0.02 5.51
CA GLY A 7 -5.69 -0.88 5.28
C GLY A 7 -5.20 -2.30 5.24
N LEU A 8 -6.12 -3.22 5.50
CA LEU A 8 -5.80 -4.64 5.53
C LEU A 8 -5.46 -5.07 4.10
N PRO A 9 -4.74 -6.20 3.95
CA PRO A 9 -4.35 -6.69 2.65
C PRO A 9 -5.55 -6.75 1.68
N GLY A 10 -5.42 -6.10 0.54
CA GLY A 10 -6.54 -6.11 -0.42
C GLY A 10 -7.59 -5.02 -0.28
N ALA A 11 -7.49 -4.17 0.73
CA ALA A 11 -8.54 -3.19 1.05
C ALA A 11 -8.70 -2.07 0.00
N GLY A 12 -7.67 -1.88 -0.83
CA GLY A 12 -7.78 -0.94 -1.95
C GLY A 12 -6.76 0.20 -1.96
N LYS A 13 -5.64 0.05 -1.25
CA LYS A 13 -4.67 1.14 -1.12
C LYS A 13 -4.09 1.58 -2.46
N GLY A 14 -3.55 0.64 -3.22
CA GLY A 14 -3.11 0.95 -4.58
C GLY A 14 -4.14 1.57 -5.50
N THR A 15 -5.35 1.05 -5.45
CA THR A 15 -6.44 1.48 -6.33
C THR A 15 -6.77 2.93 -6.03
N GLN A 16 -6.88 3.26 -4.74
CA GLN A 16 -7.14 4.62 -4.33
C GLN A 16 -5.90 5.50 -4.46
N GLY A 17 -4.74 4.98 -4.09
CA GLY A 17 -3.46 5.71 -4.20
C GLY A 17 -3.21 6.23 -5.61
N GLU A 18 -3.50 5.40 -6.58
CA GLU A 18 -3.41 5.72 -8.01
C GLU A 18 -4.29 6.89 -8.44
N ARG A 19 -5.50 6.96 -7.91
CA ARG A 19 -6.37 8.08 -8.18
C ARG A 19 -5.89 9.33 -7.47
N ILE A 20 -5.37 9.18 -6.25
CA ILE A 20 -4.82 10.33 -5.55
C ILE A 20 -3.63 10.95 -6.28
N VAL A 21 -2.71 10.13 -6.79
CA VAL A 21 -1.50 10.65 -7.48
C VAL A 21 -1.88 11.28 -8.85
N GLU A 22 -2.76 10.64 -9.59
CA GLU A 22 -3.31 11.25 -10.78
C GLU A 22 -3.83 12.68 -10.54
N ASP A 23 -4.63 12.87 -9.49
CA ASP A 23 -5.21 14.17 -9.13
C ASP A 23 -4.23 15.17 -8.48
N TYR A 24 -3.27 14.73 -7.70
CA TYR A 24 -2.41 15.68 -6.97
C TYR A 24 -0.91 15.51 -7.28
N GLY A 25 -0.54 14.50 -8.07
CA GLY A 25 0.86 14.25 -8.40
C GLY A 25 1.81 13.93 -7.26
N THR A 26 1.31 13.57 -6.09
CA THR A 26 2.21 13.23 -5.00
C THR A 26 2.87 11.89 -5.44
N PRO A 27 4.22 11.75 -5.33
CA PRO A 27 4.82 10.42 -5.53
C PRO A 27 4.16 9.32 -4.70
N HIS A 28 3.83 8.21 -5.36
CA HIS A 28 3.18 7.11 -4.70
C HIS A 28 4.28 6.23 -4.15
N ILE A 29 4.47 6.17 -2.84
CA ILE A 29 5.50 5.30 -2.27
C ILE A 29 4.92 4.06 -1.56
N SER A 30 5.06 2.91 -2.22
CA SER A 30 4.57 1.63 -1.72
C SER A 30 5.75 0.75 -1.32
N THR A 31 5.87 0.40 -0.03
CA THR A 31 6.90 -0.53 0.41
C THR A 31 6.78 -1.89 -0.28
N GLY A 32 5.54 -2.39 -0.43
CA GLY A 32 5.35 -3.58 -1.23
C GLY A 32 5.94 -3.52 -2.63
N ASP A 33 5.60 -2.47 -3.39
CA ASP A 33 6.18 -2.27 -4.72
C ASP A 33 7.70 -2.21 -4.73
N MET A 34 8.26 -1.47 -3.79
CA MET A 34 9.70 -1.37 -3.64
C MET A 34 10.37 -2.73 -3.41
N PHE A 35 9.85 -3.50 -2.46
CA PHE A 35 10.38 -4.87 -2.23
C PHE A 35 10.21 -5.73 -3.48
N ARG A 36 9.05 -5.66 -4.13
CA ARG A 36 8.91 -6.41 -5.39
C ARG A 36 9.87 -5.95 -6.51
N ALA A 37 10.17 -4.66 -6.59
CA ALA A 37 11.16 -4.23 -7.58
C ALA A 37 12.54 -4.79 -7.18
N ALA A 38 12.91 -4.77 -5.90
CA ALA A 38 14.17 -5.38 -5.46
C ALA A 38 14.27 -6.90 -5.79
N MET A 39 13.16 -7.62 -5.63
CA MET A 39 13.15 -9.03 -5.94
C MET A 39 13.28 -9.26 -7.44
N LYS A 40 12.55 -8.48 -8.25
CA LYS A 40 12.69 -8.55 -9.72
C LYS A 40 14.14 -8.34 -10.21
N GLU A 41 14.82 -7.40 -9.59
CA GLU A 41 16.18 -6.99 -9.93
C GLU A 41 17.26 -7.86 -9.24
N GLU A 42 16.84 -8.71 -8.29
CA GLU A 42 17.68 -9.69 -7.60
C GLU A 42 18.77 -9.03 -6.79
N THR A 43 18.38 -7.95 -6.12
CA THR A 43 19.33 -7.20 -5.35
C THR A 43 19.45 -7.93 -4.06
N PRO A 44 20.59 -7.79 -3.37
CA PRO A 44 20.73 -8.39 -2.03
C PRO A 44 19.51 -8.16 -1.09
N LEU A 45 19.09 -6.91 -0.98
CA LEU A 45 17.86 -6.55 -0.25
C LEU A 45 16.60 -7.28 -0.75
N GLY A 46 16.42 -7.33 -2.06
CA GLY A 46 15.34 -8.14 -2.62
C GLY A 46 15.37 -9.57 -2.08
N LEU A 47 16.53 -10.22 -2.17
CA LEU A 47 16.69 -11.62 -1.75
C LEU A 47 16.45 -11.80 -0.24
N GLU A 48 16.83 -10.80 0.55
CA GLU A 48 16.58 -10.83 2.00
C GLU A 48 15.07 -10.74 2.35
N ALA A 49 14.35 -9.82 1.68
CA ALA A 49 12.92 -9.60 1.90
C ALA A 49 12.06 -10.77 1.41
N LYS A 50 12.47 -11.39 0.31
CA LYS A 50 11.69 -12.43 -0.36
C LYS A 50 11.22 -13.54 0.55
N SER A 51 12.12 -13.96 1.43
CA SER A 51 11.85 -14.99 2.42
C SER A 51 10.58 -14.66 3.26
N TYR A 52 10.48 -13.41 3.70
CA TYR A 52 9.35 -12.95 4.51
C TYR A 52 8.10 -12.78 3.64
N ILE A 53 8.30 -12.14 2.51
CA ILE A 53 7.21 -11.82 1.59
C ILE A 53 6.48 -13.06 1.11
N ASP A 54 7.25 -14.04 0.63
CA ASP A 54 6.70 -15.30 0.16
C ASP A 54 5.89 -15.98 1.19
N LYS A 55 6.26 -15.81 2.46
CA LYS A 55 5.44 -16.28 3.59
C LYS A 55 4.20 -15.43 4.01
N GLY A 56 4.11 -14.18 3.60
CA GLY A 56 3.03 -13.32 4.10
C GLY A 56 3.36 -12.65 5.41
N GLU A 57 4.63 -12.78 5.83
CA GLU A 57 5.13 -12.15 7.03
C GLU A 57 5.67 -10.76 6.71
N LEU A 58 5.71 -9.93 7.74
CA LEU A 58 6.32 -8.62 7.64
C LEU A 58 7.83 -8.76 7.43
N VAL A 59 8.39 -7.93 6.54
CA VAL A 59 9.82 -7.74 6.46
C VAL A 59 10.26 -7.01 7.75
N PRO A 60 11.46 -7.33 8.27
CA PRO A 60 11.79 -6.64 9.52
C PRO A 60 11.81 -5.12 9.45
N ASP A 61 11.52 -4.53 10.61
CA ASP A 61 11.36 -3.10 10.72
C ASP A 61 12.56 -2.34 10.24
N GLU A 62 13.75 -2.83 10.58
CA GLU A 62 14.94 -2.02 10.45
C GLU A 62 15.22 -1.78 8.99
N VAL A 63 15.24 -2.84 8.20
CA VAL A 63 15.47 -2.67 6.78
C VAL A 63 14.38 -1.88 6.07
N THR A 64 13.12 -2.05 6.55
CA THR A 64 11.95 -1.41 5.94
C THR A 64 12.01 0.10 6.18
N ILE A 65 12.31 0.47 7.43
CA ILE A 65 12.39 1.87 7.81
C ILE A 65 13.53 2.54 7.03
N GLY A 66 14.62 1.79 6.84
CA GLY A 66 15.81 2.27 6.13
C GLY A 66 15.51 2.56 4.66
N ILE A 67 14.74 1.70 3.98
CA ILE A 67 14.41 2.00 2.58
C ILE A 67 13.43 3.16 2.44
N VAL A 68 12.53 3.35 3.41
CA VAL A 68 11.57 4.46 3.40
C VAL A 68 12.28 5.77 3.74
N LYS A 69 13.13 5.75 4.75
CA LYS A 69 13.91 6.96 5.08
C LYS A 69 14.74 7.38 3.85
N GLU A 70 15.44 6.43 3.23
CA GLU A 70 16.23 6.76 2.05
C GLU A 70 15.31 7.32 0.95
N ARG A 71 14.16 6.69 0.73
CA ARG A 71 13.25 7.12 -0.35
C ARG A 71 12.68 8.50 -0.11
N LEU A 72 12.34 8.80 1.13
CA LEU A 72 11.69 10.05 1.51
C LEU A 72 12.64 11.26 1.46
N GLY A 73 13.95 10.99 1.50
CA GLY A 73 14.98 11.99 1.32
C GLY A 73 15.23 12.36 -0.14
N LYS A 74 14.76 11.55 -1.07
CA LYS A 74 14.93 11.86 -2.49
C LYS A 74 14.11 13.10 -2.89
N ASP A 75 14.62 13.83 -3.89
CA ASP A 75 14.09 15.13 -4.34
C ASP A 75 12.67 15.16 -4.92
N ASP A 76 12.18 14.02 -5.42
CA ASP A 76 10.79 13.94 -5.93
C ASP A 76 9.69 14.08 -4.82
N CYS A 77 10.05 13.94 -3.54
CA CYS A 77 9.07 14.04 -2.41
C CYS A 77 8.88 15.44 -1.80
N GLU A 78 9.64 16.43 -2.26
CA GLU A 78 9.57 17.77 -1.68
C GLU A 78 8.18 18.42 -1.87
N ARG A 79 7.54 18.18 -3.02
CA ARG A 79 6.15 18.59 -3.21
C ARG A 79 5.11 17.63 -2.58
N GLY A 80 5.47 16.89 -1.52
CA GLY A 80 4.55 15.92 -0.86
C GLY A 80 4.73 14.43 -1.20
N PHE A 81 3.94 13.57 -0.55
CA PHE A 81 4.02 12.13 -0.84
C PHE A 81 2.75 11.42 -0.42
N LEU A 82 2.59 10.24 -1.02
CA LEU A 82 1.60 9.28 -0.66
C LEU A 82 2.28 7.94 -0.28
N LEU A 83 2.29 7.65 1.01
CA LEU A 83 2.94 6.50 1.54
C LEU A 83 1.90 5.44 1.60
N ASP A 84 2.26 4.22 1.18
CA ASP A 84 1.25 3.17 1.00
C ASP A 84 1.77 1.83 1.55
N GLY A 85 1.11 1.37 2.62
CA GLY A 85 1.51 0.11 3.27
C GLY A 85 2.75 0.23 4.17
N PHE A 86 3.13 1.46 4.47
CA PHE A 86 4.13 1.78 5.54
C PHE A 86 3.55 3.02 6.23
N PRO A 87 3.56 3.10 7.58
CA PRO A 87 4.01 2.06 8.50
C PRO A 87 2.96 0.95 8.57
N ARG A 88 3.33 -0.23 8.97
CA ARG A 88 2.29 -1.18 9.36
C ARG A 88 2.55 -1.87 10.72
N THR A 89 3.48 -1.28 11.50
CA THR A 89 3.69 -1.57 12.91
C THR A 89 3.81 -0.20 13.62
N VAL A 90 3.43 -0.15 14.88
CA VAL A 90 3.61 1.04 15.72
C VAL A 90 5.06 1.50 15.72
N ALA A 91 5.99 0.55 15.80
CA ALA A 91 7.41 0.84 15.78
C ALA A 91 7.82 1.48 14.45
N GLN A 92 7.22 1.02 13.34
CA GLN A 92 7.45 1.75 12.07
C GLN A 92 6.86 3.18 12.13
N ALA A 93 5.71 3.34 12.76
CA ALA A 93 5.01 4.63 12.78
C ALA A 93 5.78 5.67 13.60
N GLU A 94 6.30 5.22 14.74
CA GLU A 94 7.20 6.03 15.59
C GLU A 94 8.42 6.47 14.84
N ALA A 95 9.07 5.52 14.17
CA ALA A 95 10.24 5.89 13.36
C ALA A 95 9.86 6.91 12.25
N LEU A 96 8.67 6.79 11.65
CA LEU A 96 8.19 7.72 10.63
C LEU A 96 8.05 9.12 11.19
N GLU A 97 7.44 9.23 12.37
CA GLU A 97 7.33 10.52 13.05
C GLU A 97 8.72 11.15 13.17
N GLU A 98 9.69 10.37 13.61
CA GLU A 98 11.08 10.89 13.67
C GLU A 98 11.62 11.25 12.29
N ILE A 99 11.39 10.38 11.28
CA ILE A 99 11.90 10.65 9.92
C ILE A 99 11.31 11.95 9.35
N LEU A 100 10.05 12.22 9.67
CA LEU A 100 9.35 13.35 9.10
C LEU A 100 9.67 14.67 9.78
N GLU A 101 9.88 14.65 11.09
CA GLU A 101 10.54 15.75 11.82
C GLU A 101 11.86 16.09 11.09
N GLU A 102 12.73 15.10 10.97
CA GLU A 102 14.01 15.24 10.27
C GLU A 102 13.92 15.79 8.84
N TYR A 103 12.92 15.42 8.04
CA TYR A 103 12.80 15.96 6.64
C TYR A 103 11.87 17.19 6.53
N GLY A 104 11.45 17.75 7.67
CA GLY A 104 10.55 18.92 7.70
C GLY A 104 9.29 18.74 6.87
N LYS A 105 8.61 17.62 7.09
CA LYS A 105 7.38 17.30 6.39
C LYS A 105 6.49 16.37 7.24
N PRO A 106 5.76 16.94 8.25
CA PRO A 106 4.76 16.22 9.09
C PRO A 106 3.49 15.71 8.34
N ILE A 107 2.92 14.60 8.84
CA ILE A 107 1.84 13.89 8.11
C ILE A 107 0.64 14.78 8.16
N ASP A 108 -0.02 14.98 7.02
CA ASP A 108 -1.35 15.64 6.98
C ASP A 108 -2.52 14.75 7.34
N TYR A 109 -2.58 13.56 6.73
CA TYR A 109 -3.61 12.56 7.04
C TYR A 109 -3.08 11.15 6.92
N VAL A 110 -3.60 10.33 7.82
CA VAL A 110 -3.57 8.90 7.67
C VAL A 110 -4.95 8.48 7.24
N ILE A 111 -5.06 7.91 6.05
CA ILE A 111 -6.38 7.44 5.55
C ILE A 111 -6.48 5.93 5.66
N ASN A 112 -7.33 5.48 6.55
CA ASN A 112 -7.66 4.07 6.69
C ASN A 112 -8.80 3.67 5.82
N ILE A 113 -8.54 2.76 4.88
CA ILE A 113 -9.57 2.25 3.99
C ILE A 113 -10.13 0.96 4.61
N GLU A 114 -11.31 1.08 5.19
CA GLU A 114 -11.83 0.06 6.07
C GLU A 114 -12.64 -0.90 5.26
N VAL A 115 -12.22 -2.14 5.31
CA VAL A 115 -12.88 -3.20 4.61
C VAL A 115 -12.93 -4.40 5.53
N ASP A 116 -14.08 -5.06 5.45
CA ASP A 116 -14.40 -6.33 6.10
C ASP A 116 -13.39 -7.43 5.73
N LYS A 117 -12.70 -7.97 6.73
CA LYS A 117 -11.76 -9.11 6.56
C LYS A 117 -12.24 -10.23 5.65
N ASP A 118 -13.51 -10.61 5.74
CA ASP A 118 -14.06 -11.78 5.01
C ASP A 118 -14.15 -11.67 3.52
N VAL A 119 -14.05 -10.44 3.02
CA VAL A 119 -14.21 -10.20 1.59
C VAL A 119 -12.81 -10.04 0.93
N LEU A 120 -11.75 -10.01 1.74
CA LEU A 120 -10.39 -9.74 1.25
C LEU A 120 -9.78 -10.92 0.49
N MET A 121 -10.07 -12.14 0.89
CA MET A 121 -9.53 -13.27 0.17
C MET A 121 -9.98 -13.25 -1.31
N GLU A 122 -11.25 -12.99 -1.57
CA GLU A 122 -11.72 -12.96 -2.96
C GLU A 122 -11.16 -11.77 -3.74
N ARG A 123 -10.97 -10.64 -3.07
CA ARG A 123 -10.25 -9.53 -3.76
C ARG A 123 -8.85 -9.89 -4.23
N LEU A 124 -8.13 -10.59 -3.38
CA LEU A 124 -6.73 -10.96 -3.66
C LEU A 124 -6.53 -12.10 -4.65
N THR A 125 -7.29 -13.18 -4.48
CA THR A 125 -7.19 -14.35 -5.40
C THR A 125 -7.63 -13.96 -6.83
N GLY A 126 -8.60 -13.07 -6.93
CA GLY A 126 -9.01 -12.57 -8.28
C GLY A 126 -8.18 -11.40 -8.84
N ARG A 127 -7.28 -10.85 -8.03
CA ARG A 127 -6.48 -9.71 -8.49
C ARG A 127 -5.51 -10.11 -9.63
N ARG A 128 -5.39 -9.24 -10.60
CA ARG A 128 -4.39 -9.32 -11.62
C ARG A 128 -3.65 -7.98 -11.72
N ILE A 129 -2.32 -8.02 -11.76
CA ILE A 129 -1.46 -6.82 -11.76
C ILE A 129 -0.74 -6.65 -13.09
N CYS A 130 -0.55 -5.41 -13.52
CA CYS A 130 0.15 -5.15 -14.76
C CYS A 130 1.64 -5.31 -14.50
N SER A 131 2.24 -6.15 -15.32
CA SER A 131 3.68 -6.39 -15.27
C SER A 131 4.55 -5.17 -15.62
N VAL A 132 4.00 -4.11 -16.24
CA VAL A 132 4.75 -2.90 -16.62
C VAL A 132 4.67 -1.72 -15.62
N CYS A 133 3.45 -1.36 -15.24
CA CYS A 133 3.18 -0.21 -14.36
C CYS A 133 2.69 -0.63 -12.99
N GLY A 134 2.23 -1.86 -12.85
CA GLY A 134 1.79 -2.32 -11.56
C GLY A 134 0.38 -1.88 -11.13
N THR A 135 -0.40 -1.23 -12.00
CA THR A 135 -1.82 -1.02 -11.72
C THR A 135 -2.55 -2.36 -11.53
N THR A 136 -3.58 -2.38 -10.67
CA THR A 136 -4.34 -3.61 -10.38
C THR A 136 -5.70 -3.66 -11.01
N TYR A 137 -6.10 -4.87 -11.39
CA TYR A 137 -7.40 -5.12 -11.99
C TYR A 137 -7.95 -6.25 -11.19
N HIS A 138 -9.23 -6.53 -11.42
CA HIS A 138 -9.87 -7.72 -10.85
C HIS A 138 -10.82 -8.34 -11.91
N LEU A 139 -10.79 -9.65 -12.02
CA LEU A 139 -11.48 -10.36 -13.09
C LEU A 139 -12.96 -10.09 -13.09
N VAL A 140 -13.52 -9.92 -11.89
CA VAL A 140 -14.91 -9.47 -11.62
C VAL A 140 -15.02 -7.95 -11.29
N PHE A 141 -14.34 -7.50 -10.22
CA PHE A 141 -14.57 -6.17 -9.71
C PHE A 141 -13.99 -5.04 -10.54
N ASN A 142 -13.00 -5.27 -11.38
CA ASN A 142 -12.45 -4.17 -12.11
C ASN A 142 -11.70 -4.70 -13.32
N PRO A 143 -12.45 -5.22 -14.29
CA PRO A 143 -11.80 -5.97 -15.34
C PRO A 143 -11.02 -5.09 -16.32
N PRO A 144 -9.96 -5.63 -16.93
CA PRO A 144 -9.37 -4.83 -18.00
C PRO A 144 -10.32 -4.73 -19.18
N LYS A 145 -10.15 -3.71 -19.99
CA LYS A 145 -10.93 -3.57 -21.24
C LYS A 145 -10.61 -4.72 -22.23
N THR A 146 -9.35 -5.12 -22.29
CA THR A 146 -8.97 -6.27 -23.10
C THR A 146 -8.40 -7.32 -22.20
N PRO A 147 -8.94 -8.52 -22.24
CA PRO A 147 -8.47 -9.50 -21.28
C PRO A 147 -6.93 -9.82 -21.34
N GLY A 148 -6.30 -9.95 -20.18
CA GLY A 148 -4.88 -10.33 -20.11
C GLY A 148 -3.84 -9.24 -20.27
N ILE A 149 -4.27 -8.00 -20.60
CA ILE A 149 -3.38 -6.84 -20.80
C ILE A 149 -3.88 -5.53 -20.13
N CYS A 150 -2.92 -4.72 -19.70
CA CYS A 150 -3.19 -3.45 -19.07
C CYS A 150 -3.89 -2.47 -20.02
N ASP A 151 -4.84 -1.72 -19.48
CA ASP A 151 -5.52 -0.63 -20.26
C ASP A 151 -4.53 0.38 -20.73
N LYS A 152 -3.61 0.77 -19.84
CA LYS A 152 -2.71 1.91 -20.03
C LYS A 152 -1.60 1.62 -21.03
N ASP A 153 -0.96 0.46 -20.95
CA ASP A 153 0.28 0.21 -21.71
C ASP A 153 0.42 -1.18 -22.36
N GLY A 154 -0.62 -2.02 -22.31
CA GLY A 154 -0.59 -3.31 -22.99
C GLY A 154 0.27 -4.40 -22.35
N GLY A 155 0.79 -4.15 -21.15
CA GLY A 155 1.54 -5.14 -20.41
C GLY A 155 0.72 -6.32 -20.03
N GLU A 156 1.37 -7.48 -19.97
CA GLU A 156 0.68 -8.67 -19.52
C GLU A 156 0.28 -8.53 -18.04
N LEU A 157 -0.93 -9.00 -17.70
CA LEU A 157 -1.40 -9.05 -16.32
C LEU A 157 -1.11 -10.37 -15.73
N TYR A 158 -0.80 -10.41 -14.45
CA TYR A 158 -0.44 -11.65 -13.83
C TYR A 158 -0.94 -11.66 -12.38
N GLN A 159 -0.85 -12.85 -11.78
CA GLN A 159 -1.19 -13.04 -10.39
C GLN A 159 0.07 -12.88 -9.53
N ARG A 160 0.04 -11.98 -8.56
CA ARG A 160 1.18 -11.79 -7.62
C ARG A 160 1.42 -13.09 -6.87
N ALA A 161 2.69 -13.40 -6.64
CA ALA A 161 3.11 -14.65 -5.92
C ALA A 161 2.48 -14.86 -4.54
N ASP A 162 2.23 -13.76 -3.84
CA ASP A 162 1.66 -13.85 -2.50
C ASP A 162 0.10 -13.81 -2.48
N ASP A 163 -0.55 -13.76 -3.65
CA ASP A 163 -2.02 -13.74 -3.76
C ASP A 163 -2.60 -15.15 -3.86
N ASN A 164 -1.97 -16.11 -3.23
CA ASN A 164 -2.56 -17.42 -3.12
C ASN A 164 -3.24 -17.58 -1.75
N GLU A 165 -4.24 -18.45 -1.69
CA GLU A 165 -5.04 -18.65 -0.50
C GLU A 165 -4.14 -18.87 0.73
N GLU A 166 -3.10 -19.66 0.59
CA GLU A 166 -2.25 -19.99 1.71
C GLU A 166 -1.56 -18.72 2.30
N THR A 167 -0.87 -17.98 1.43
CA THR A 167 -0.11 -16.80 1.83
C THR A 167 -1.03 -15.62 2.26
N VAL A 168 -2.13 -15.43 1.58
CA VAL A 168 -3.14 -14.40 1.96
C VAL A 168 -3.66 -14.61 3.37
N SER A 169 -4.01 -15.85 3.62
CA SER A 169 -4.42 -16.23 4.96
C SER A 169 -3.38 -15.81 6.07
N LYS A 170 -2.10 -16.01 5.82
CA LYS A 170 -1.09 -15.52 6.78
C LYS A 170 -0.95 -13.98 6.83
N ARG A 171 -0.93 -13.35 5.65
CA ARG A 171 -0.93 -11.87 5.53
C ARG A 171 -2.07 -11.22 6.35
N LEU A 172 -3.26 -11.79 6.27
CA LEU A 172 -4.41 -11.28 7.04
C LEU A 172 -4.20 -11.47 8.56
N GLU A 173 -3.77 -12.66 8.94
CA GLU A 173 -3.47 -12.90 10.35
C GLU A 173 -2.43 -11.87 10.83
N VAL A 174 -1.30 -11.79 10.14
CA VAL A 174 -0.21 -10.93 10.53
C VAL A 174 -0.65 -9.46 10.63
N ASN A 175 -1.40 -8.97 9.64
CA ASN A 175 -1.65 -7.53 9.64
C ASN A 175 -2.80 -7.14 10.54
N MET A 176 -3.76 -8.04 10.72
CA MET A 176 -4.88 -7.83 11.64
C MET A 176 -4.37 -7.59 13.05
N LYS A 177 -3.40 -8.38 13.46
CA LYS A 177 -2.82 -8.24 14.79
C LYS A 177 -2.23 -6.81 15.01
N GLN A 178 -1.69 -6.18 13.96
CA GLN A 178 -1.09 -4.85 14.06
C GLN A 178 -2.06 -3.71 13.91
N THR A 179 -3.29 -4.00 13.44
CA THR A 179 -4.25 -2.96 13.00
C THR A 179 -4.74 -1.98 14.12
N GLN A 180 -5.26 -2.49 15.24
CA GLN A 180 -5.75 -1.59 16.29
C GLN A 180 -4.64 -0.74 16.96
N PRO A 181 -3.52 -1.38 17.39
CA PRO A 181 -2.38 -0.55 17.83
C PRO A 181 -2.07 0.61 16.85
N LEU A 182 -2.08 0.32 15.55
CA LEU A 182 -1.75 1.35 14.60
C LEU A 182 -2.85 2.46 14.51
N LEU A 183 -4.12 2.05 14.56
CA LEU A 183 -5.26 3.00 14.50
C LEU A 183 -5.32 3.88 15.76
N ASP A 184 -5.04 3.24 16.90
CA ASP A 184 -4.85 3.96 18.17
C ASP A 184 -3.71 4.99 18.05
N PHE A 185 -2.53 4.55 17.63
CA PHE A 185 -1.38 5.46 17.47
C PHE A 185 -1.79 6.72 16.71
N TYR A 186 -2.49 6.56 15.58
CA TYR A 186 -2.82 7.70 14.73
C TYR A 186 -4.08 8.50 15.11
N SER A 187 -5.09 7.86 15.72
CA SER A 187 -6.27 8.63 16.20
C SER A 187 -5.78 9.51 17.36
N GLU A 188 -4.93 8.94 18.22
CA GLU A 188 -4.21 9.71 19.22
C GLU A 188 -3.43 10.92 18.70
N LYS A 189 -2.75 10.81 17.56
CA LYS A 189 -2.11 11.96 16.88
C LYS A 189 -3.12 12.95 16.23
N GLY A 190 -4.39 12.57 16.12
CA GLY A 190 -5.39 13.33 15.36
C GLY A 190 -5.25 13.38 13.84
N TYR A 191 -4.44 12.48 13.22
CA TYR A 191 -4.27 12.49 11.74
C TYR A 191 -5.26 11.54 11.04
N LEU A 192 -5.84 10.62 11.82
CA LEU A 192 -6.60 9.53 11.25
C LEU A 192 -7.93 9.95 10.63
N ALA A 193 -8.23 9.45 9.43
CA ALA A 193 -9.58 9.51 8.86
C ALA A 193 -9.95 8.17 8.24
N ASN A 194 -11.16 7.68 8.55
CA ASN A 194 -11.66 6.40 8.05
C ASN A 194 -12.55 6.55 6.85
N VAL A 195 -12.36 5.66 5.88
CA VAL A 195 -13.21 5.68 4.69
C VAL A 195 -13.82 4.31 4.59
N ASN A 196 -15.05 4.23 4.14
CA ASN A 196 -15.69 2.94 3.87
C ASN A 196 -15.17 2.39 2.54
N GLY A 197 -14.33 1.34 2.60
CA GLY A 197 -13.67 0.74 1.42
C GLY A 197 -14.54 -0.26 0.70
N GLN A 198 -15.75 -0.51 1.23
CA GLN A 198 -16.70 -1.43 0.62
C GLN A 198 -17.79 -0.69 -0.14
N GLN A 199 -17.36 -0.01 -1.20
CA GLN A 199 -18.25 0.68 -2.12
C GLN A 199 -17.60 0.51 -3.48
N ASP A 200 -18.31 0.81 -4.55
CA ASP A 200 -17.68 0.95 -5.88
C ASP A 200 -16.40 1.81 -5.76
N ILE A 201 -15.40 1.48 -6.57
CA ILE A 201 -14.08 2.17 -6.54
C ILE A 201 -14.22 3.72 -6.59
N GLN A 202 -15.05 4.19 -7.51
CA GLN A 202 -15.27 5.62 -7.73
C GLN A 202 -15.91 6.29 -6.52
N ASP A 203 -16.78 5.54 -5.86
CA ASP A 203 -17.43 6.03 -4.66
C ASP A 203 -16.49 6.03 -3.49
N VAL A 204 -15.59 5.04 -3.39
CA VAL A 204 -14.52 5.11 -2.37
C VAL A 204 -13.67 6.33 -2.71
N TYR A 205 -13.33 6.51 -3.97
CA TYR A 205 -12.48 7.67 -4.30
C TYR A 205 -13.16 9.04 -4.03
N ALA A 206 -14.44 9.18 -4.37
CA ALA A 206 -15.24 10.38 -3.97
C ALA A 206 -15.04 10.73 -2.51
N ASP A 207 -15.11 9.73 -1.63
CA ASP A 207 -14.95 9.95 -0.19
C ASP A 207 -13.52 10.31 0.20
N VAL A 208 -12.55 9.72 -0.48
CA VAL A 208 -11.17 10.09 -0.24
C VAL A 208 -10.97 11.57 -0.61
N LYS A 209 -11.40 11.94 -1.83
CA LYS A 209 -11.27 13.27 -2.37
C LYS A 209 -11.84 14.33 -1.41
N ASP A 210 -13.02 14.06 -0.84
CA ASP A 210 -13.63 14.91 0.22
C ASP A 210 -12.67 15.18 1.41
N LEU A 211 -12.05 14.14 1.94
CA LEU A 211 -11.09 14.33 3.04
C LEU A 211 -9.96 15.27 2.67
N LEU A 212 -9.42 15.14 1.47
CA LEU A 212 -8.20 15.85 1.11
C LEU A 212 -8.37 17.38 1.01
ZN ZN B . 0.14 -1.09 -17.01
MG MG C . -0.77 -2.28 -3.24
PA AP5 D . -5.49 -3.13 -4.34
O1A AP5 D . -5.77 -1.66 -4.59
O2A AP5 D . -4.43 -3.80 -5.15
O3A AP5 D . -5.25 -3.44 -2.78
PB AP5 D . -4.09 -3.04 -1.77
O1B AP5 D . -4.79 -2.70 -0.47
O2B AP5 D . -3.06 -2.17 -2.43
O3B AP5 D . -3.55 -4.57 -1.59
PG AP5 D . -2.01 -5.16 -1.44
O1G AP5 D . -2.07 -6.69 -1.57
O2G AP5 D . -1.04 -4.42 -2.39
O3G AP5 D . -1.80 -4.66 0.06
PD AP5 D . -0.75 -5.35 1.12
O1D AP5 D . -0.56 -4.29 2.19
O2D AP5 D . -1.27 -6.70 1.40
O3D AP5 D . 0.56 -5.65 0.17
PE AP5 D . 1.92 -4.79 0.03
O1E AP5 D . 2.17 -4.89 -1.45
O2E AP5 D . 1.84 -3.46 0.65
O5F AP5 D . -6.83 -3.95 -4.55
C5F AP5 D . -6.98 -5.35 -4.28
C4F AP5 D . -7.89 -5.99 -5.33
O4F AP5 D . -9.27 -5.58 -5.09
C3F AP5 D . -7.54 -5.58 -6.76
O3F AP5 D . -7.75 -6.74 -7.60
C2F AP5 D . -8.54 -4.43 -7.07
O2F AP5 D . -9.05 -4.39 -8.42
C1F AP5 D . -9.72 -4.72 -6.14
N9A AP5 D . -10.42 -3.56 -5.56
C8A AP5 D . -9.92 -2.35 -5.15
N7A AP5 D . -10.89 -1.56 -4.64
C5A AP5 D . -12.04 -2.24 -4.78
C6A AP5 D . -13.45 -1.99 -4.47
N6A AP5 D . -13.79 -0.81 -3.90
N1A AP5 D . -14.32 -2.97 -4.69
C2A AP5 D . -13.99 -4.15 -5.21
N3A AP5 D . -12.75 -4.47 -5.57
C4A AP5 D . -11.73 -3.56 -5.36
O5J AP5 D . 2.98 -5.68 0.84
C5J AP5 D . 3.42 -6.92 0.31
C4J AP5 D . 4.37 -7.57 1.32
O4J AP5 D . 5.53 -6.78 1.41
C3J AP5 D . 3.84 -7.68 2.76
O3J AP5 D . 2.94 -8.76 2.93
C2J AP5 D . 5.14 -7.80 3.53
O2J AP5 D . 5.68 -9.13 3.30
C1J AP5 D . 5.95 -6.75 2.77
N9B AP5 D . 5.72 -5.37 3.24
C8B AP5 D . 5.16 -4.32 2.58
N7B AP5 D . 5.21 -3.19 3.35
C5B AP5 D . 5.80 -3.56 4.53
C6B AP5 D . 6.13 -2.89 5.81
N6B AP5 D . 5.81 -1.59 5.98
N1B AP5 D . 6.71 -3.62 6.79
C2B AP5 D . 7.03 -4.87 6.62
N3B AP5 D . 6.76 -5.57 5.49
C4B AP5 D . 6.15 -4.95 4.45
CA CA E . 20.34 -7.00 -10.51
CA CA F . -16.42 -9.87 8.87
#